data_7P58
#
_entry.id   7P58
#
_cell.length_a   103.996
_cell.length_b   103.996
_cell.length_c   55.965
_cell.angle_alpha   90.000
_cell.angle_beta   90.000
_cell.angle_gamma   120.000
#
_symmetry.space_group_name_H-M   'P 61'
#
loop_
_entity.id
_entity.type
_entity.pdbx_description
1 polymer 'Kelch-like ECH-associated protein 1'
2 non-polymer 'DIMETHYL SULFOXIDE'
3 non-polymer 'CHLORIDE ION'
4 non-polymer '1-[6-(3-propan-2-yloxyphenyl)pyridin-2-yl]-5-(trifluoromethyl)pyrazole-4-carboxylic acid'
5 water water
#
_entity_poly.entity_id   1
_entity_poly.type   'polypeptide(L)'
_entity_poly.pdbx_seq_one_letter_code
;MGSSHHHHHHSSGLVPRGPKVGRLIYTAGGYFRQSLSYLEAYNPSNGSWLRLADLQVPRSGLAGCVVGGLLYAVGGRNNS
PDGNTDSSALDCYNPMTNQWSPCASMSVPRNRIGVGVIDGHIYAVGGSHGCIHHSSVERYEPERDEWHLVAPMLTRRIGV
GVAVLNRLLYAVGGFDGTNRLNSAECYYPERNEWRMITPMNTIRSGAGVCVLHNCIYAAGGYDGQDQLNSVERYDVETET
WTFVAPMRHHRSALGITVHQGKIYVLGGYDGHTFLDSVECYDPDSDTWSEVTRMTSGRSGVGVAVTMEPCRKQIDQQNCT
C
;
_entity_poly.pdbx_strand_id   A
#
loop_
_chem_comp.id
_chem_comp.type
_chem_comp.name
_chem_comp.formula
5UI non-polymer '1-[6-(3-propan-2-yloxyphenyl)pyridin-2-yl]-5-(trifluoromethyl)pyrazole-4-carboxylic acid' 'C19 H16 F3 N3 O3'
CL non-polymer 'CHLORIDE ION' 'Cl -1'
DMS non-polymer 'DIMETHYL SULFOXIDE' 'C2 H6 O S'
#
# COMPACT_ATOMS: atom_id res chain seq x y z
N GLY A 22 -8.80 5.83 -20.81
CA GLY A 22 -8.89 4.68 -19.85
C GLY A 22 -7.77 4.70 -18.82
N ARG A 23 -7.99 4.03 -17.70
CA ARG A 23 -7.02 4.02 -16.64
C ARG A 23 -6.74 2.56 -16.26
N LEU A 24 -5.50 2.32 -15.84
CA LEU A 24 -5.01 0.98 -15.57
C LEU A 24 -4.62 0.84 -14.09
N ILE A 25 -4.67 -0.39 -13.63
CA ILE A 25 -4.15 -0.72 -12.34
C ILE A 25 -2.69 -1.17 -12.52
N TYR A 26 -1.77 -0.40 -11.97
CA TYR A 26 -0.32 -0.69 -12.06
C TYR A 26 0.14 -1.42 -10.79
N THR A 27 0.83 -2.56 -10.95
CA THR A 27 1.48 -3.29 -9.86
C THR A 27 3.00 -3.30 -10.10
N ALA A 28 3.73 -2.87 -9.08
CA ALA A 28 5.17 -2.69 -9.16
C ALA A 28 5.84 -3.55 -8.08
N GLY A 29 6.88 -4.28 -8.50
CA GLY A 29 7.69 -5.02 -7.55
C GLY A 29 6.93 -6.18 -6.93
N GLY A 30 7.29 -6.50 -5.69
CA GLY A 30 6.69 -7.62 -4.96
C GLY A 30 7.72 -8.69 -4.65
N TYR A 31 7.23 -9.86 -4.25
CA TYR A 31 8.12 -10.92 -3.79
C TYR A 31 7.59 -12.31 -4.16
N PHE A 32 8.48 -13.06 -4.79
CA PHE A 32 8.33 -14.50 -4.92
C PHE A 32 9.74 -15.09 -5.02
N ARG A 33 10.15 -15.83 -4.00
CA ARG A 33 11.50 -16.41 -3.92
C ARG A 33 12.51 -15.30 -3.65
N GLN A 34 12.40 -14.20 -4.37
CA GLN A 34 13.19 -13.03 -4.09
C GLN A 34 12.36 -11.79 -4.45
N SER A 35 12.89 -10.62 -4.13
CA SER A 35 12.25 -9.36 -4.51
C SER A 35 12.28 -9.21 -6.04
N LEU A 36 11.21 -8.60 -6.59
CA LEU A 36 10.88 -8.59 -8.05
C LEU A 36 11.02 -7.16 -8.64
N SER A 37 11.28 -7.05 -9.94
CA SER A 37 11.36 -5.71 -10.55
C SER A 37 10.18 -5.47 -11.50
N TYR A 38 9.19 -6.35 -11.49
CA TYR A 38 8.13 -6.31 -12.49
C TYR A 38 7.35 -4.99 -12.40
N LEU A 39 7.02 -4.41 -13.54
CA LEU A 39 5.92 -3.45 -13.56
C LEU A 39 4.92 -3.93 -14.60
N GLU A 40 3.69 -4.15 -14.15
CA GLU A 40 2.64 -4.66 -15.03
C GLU A 40 1.34 -3.87 -14.76
N ALA A 41 0.56 -3.70 -15.82
CA ALA A 41 -0.63 -2.85 -15.80
C ALA A 41 -1.82 -3.67 -16.26
N TYR A 42 -2.85 -3.67 -15.45
CA TYR A 42 -4.10 -4.37 -15.76
C TYR A 42 -5.19 -3.38 -16.18
N ASN A 43 -5.90 -3.74 -17.24
CA ASN A 43 -6.99 -2.91 -17.76
C ASN A 43 -8.32 -3.60 -17.43
N PRO A 44 -9.03 -3.05 -16.41
CA PRO A 44 -10.35 -3.60 -16.07
C PRO A 44 -11.35 -3.61 -17.23
N SER A 45 -11.28 -2.65 -18.17
CA SER A 45 -12.20 -2.59 -19.33
C SER A 45 -12.11 -3.83 -20.20
N ASN A 46 -10.91 -4.39 -20.43
CA ASN A 46 -10.81 -5.49 -21.40
C ASN A 46 -10.18 -6.76 -20.80
N GLY A 47 -9.71 -6.71 -19.55
CA GLY A 47 -9.09 -7.88 -18.89
C GLY A 47 -7.60 -8.08 -19.21
N SER A 48 -6.96 -7.15 -19.94
CA SER A 48 -5.58 -7.37 -20.44
C SER A 48 -4.53 -6.94 -19.39
N TRP A 49 -3.37 -7.63 -19.44
CA TRP A 49 -2.15 -7.25 -18.70
C TRP A 49 -1.10 -6.75 -19.69
N LEU A 50 -0.40 -5.66 -19.41
CA LEU A 50 0.79 -5.24 -20.15
C LEU A 50 2.00 -5.37 -19.25
N ARG A 51 3.11 -5.92 -19.73
CA ARG A 51 4.37 -5.81 -19.00
C ARG A 51 5.09 -4.55 -19.51
N LEU A 52 5.52 -3.70 -18.58
CA LEU A 52 6.12 -2.40 -18.89
C LEU A 52 7.58 -2.39 -18.37
N ALA A 53 8.22 -1.23 -18.37
CA ALA A 53 9.64 -1.17 -17.96
C ALA A 53 9.85 -1.63 -16.51
N ASP A 54 10.77 -2.59 -16.34
CA ASP A 54 11.23 -3.00 -15.00
C ASP A 54 11.67 -1.83 -14.12
N LEU A 55 11.41 -1.95 -12.81
CA LEU A 55 12.08 -1.12 -11.81
C LEU A 55 13.59 -1.27 -12.00
N GLN A 56 14.32 -0.19 -11.70
CA GLN A 56 15.78 -0.23 -11.80
C GLN A 56 16.35 -1.20 -10.74
N VAL A 57 15.68 -1.28 -9.59
CA VAL A 57 16.11 -2.09 -8.45
C VAL A 57 14.94 -2.96 -7.96
N PRO A 58 15.11 -4.30 -7.89
CA PRO A 58 14.04 -5.11 -7.37
C PRO A 58 13.66 -4.65 -5.95
N ARG A 59 12.38 -4.74 -5.64
CA ARG A 59 11.93 -4.36 -4.33
C ARG A 59 10.58 -5.01 -4.00
N SER A 60 10.48 -5.45 -2.75
CA SER A 60 9.23 -5.88 -2.16
C SER A 60 8.94 -4.96 -0.98
N GLY A 61 7.72 -4.97 -0.47
CA GLY A 61 7.34 -4.20 0.70
C GLY A 61 7.36 -2.71 0.47
N LEU A 62 7.28 -2.32 -0.82
CA LEU A 62 7.18 -0.93 -1.24
C LEU A 62 5.70 -0.53 -1.33
N ALA A 63 5.44 0.76 -1.54
CA ALA A 63 4.09 1.24 -1.84
C ALA A 63 4.14 2.01 -3.16
N GLY A 64 3.01 2.00 -3.87
CA GLY A 64 2.80 2.83 -5.03
C GLY A 64 1.82 3.95 -4.75
N CYS A 65 1.94 5.05 -5.49
CA CYS A 65 0.99 6.15 -5.48
C CYS A 65 1.13 6.93 -6.80
N VAL A 66 0.17 7.82 -7.05
CA VAL A 66 0.15 8.62 -8.25
C VAL A 66 -0.07 10.08 -7.86
N VAL A 67 0.68 10.96 -8.54
CA VAL A 67 0.59 12.39 -8.39
C VAL A 67 0.84 13.01 -9.75
N GLY A 68 -0.10 13.82 -10.22
CA GLY A 68 0.06 14.48 -11.50
C GLY A 68 0.21 13.46 -12.62
N GLY A 69 -0.55 12.36 -12.55
CA GLY A 69 -0.47 11.30 -13.58
C GLY A 69 0.85 10.52 -13.57
N LEU A 70 1.75 10.77 -12.61
CA LEU A 70 3.00 10.01 -12.52
C LEU A 70 2.88 8.94 -11.46
N LEU A 71 3.48 7.79 -11.73
CA LEU A 71 3.48 6.67 -10.81
C LEU A 71 4.78 6.72 -10.01
N TYR A 72 4.66 6.59 -8.70
CA TYR A 72 5.79 6.62 -7.78
C TYR A 72 5.87 5.28 -7.06
N ALA A 73 7.11 4.79 -6.91
CA ALA A 73 7.41 3.61 -6.12
C ALA A 73 8.31 4.05 -4.94
N VAL A 74 7.89 3.67 -3.73
CA VAL A 74 8.41 4.27 -2.50
C VAL A 74 8.90 3.17 -1.55
N GLY A 75 10.17 3.22 -1.16
CA GLY A 75 10.63 2.33 -0.11
C GLY A 75 10.68 0.88 -0.58
N GLY A 76 10.54 -0.03 0.39
CA GLY A 76 10.71 -1.47 0.16
C GLY A 76 12.08 -2.00 0.62
N ARG A 77 12.42 -3.14 0.04
CA ARG A 77 13.60 -3.89 0.36
C ARG A 77 13.92 -4.79 -0.82
N ASN A 78 15.20 -4.90 -1.15
CA ASN A 78 15.66 -5.90 -2.08
C ASN A 78 16.11 -7.13 -1.29
N ASN A 79 15.22 -8.13 -1.18
CA ASN A 79 15.61 -9.44 -0.69
C ASN A 79 16.22 -10.19 -1.86
N SER A 80 17.52 -10.41 -1.87
CA SER A 80 18.14 -11.09 -3.00
C SER A 80 19.10 -12.16 -2.46
N PRO A 81 19.42 -13.17 -3.30
CA PRO A 81 20.42 -14.18 -2.89
C PRO A 81 21.74 -13.52 -2.46
N ASP A 82 22.13 -12.43 -3.11
CA ASP A 82 23.37 -11.73 -2.80
C ASP A 82 23.28 -10.68 -1.71
N GLY A 83 22.13 -10.58 -1.04
CA GLY A 83 22.05 -9.76 0.16
C GLY A 83 20.69 -9.09 0.28
N ASN A 84 20.44 -8.47 1.42
CA ASN A 84 19.15 -7.85 1.68
C ASN A 84 19.38 -6.37 2.00
N THR A 85 18.77 -5.50 1.20
CA THR A 85 19.00 -4.05 1.31
C THR A 85 17.64 -3.35 1.39
N ASP A 86 17.38 -2.71 2.54
CA ASP A 86 16.23 -1.88 2.71
C ASP A 86 16.39 -0.64 1.83
N SER A 87 15.26 -0.11 1.33
CA SER A 87 15.26 0.96 0.34
C SER A 87 14.75 2.27 0.94
N SER A 88 15.52 3.34 0.74
CA SER A 88 15.03 4.72 0.96
C SER A 88 14.62 5.38 -0.38
N ALA A 89 14.47 4.59 -1.44
CA ALA A 89 14.37 5.16 -2.77
C ALA A 89 12.94 5.62 -3.05
N LEU A 90 12.87 6.72 -3.79
CA LEU A 90 11.67 7.13 -4.51
C LEU A 90 11.96 7.15 -6.02
N ASP A 91 11.18 6.42 -6.80
CA ASP A 91 11.35 6.39 -8.25
C ASP A 91 10.05 6.66 -8.92
N CYS A 92 10.14 7.34 -10.06
CA CYS A 92 8.98 7.88 -10.76
C CYS A 92 8.87 7.20 -12.13
N TYR A 93 7.67 6.71 -12.47
CA TYR A 93 7.37 6.12 -13.79
C TYR A 93 6.39 7.01 -14.56
N ASN A 94 6.80 7.37 -15.76
CA ASN A 94 6.00 8.19 -16.67
C ASN A 94 5.42 7.29 -17.76
N PRO A 95 4.12 7.04 -17.70
CA PRO A 95 3.41 6.26 -18.73
C PRO A 95 3.59 6.81 -20.16
N MET A 96 3.79 8.12 -20.32
CA MET A 96 3.99 8.68 -21.66
C MET A 96 5.28 8.14 -22.30
N THR A 97 6.32 7.90 -21.49
CA THR A 97 7.64 7.52 -21.99
C THR A 97 7.99 6.06 -21.65
N ASN A 98 7.25 5.43 -20.76
CA ASN A 98 7.58 4.10 -20.29
C ASN A 98 9.00 4.12 -19.70
N GLN A 99 9.35 5.15 -18.95
CA GLN A 99 10.65 5.20 -18.29
C GLN A 99 10.49 5.52 -16.81
N TRP A 100 11.33 4.85 -16.02
CA TRP A 100 11.53 5.12 -14.62
C TRP A 100 12.65 6.16 -14.46
N SER A 101 12.46 7.14 -13.57
CA SER A 101 13.52 8.07 -13.17
C SER A 101 13.62 8.06 -11.66
N PRO A 102 14.86 8.09 -11.13
CA PRO A 102 15.07 8.31 -9.71
C PRO A 102 14.61 9.72 -9.29
N CYS A 103 14.07 9.78 -8.09
CA CYS A 103 13.82 11.03 -7.37
C CYS A 103 14.68 11.07 -6.11
N ALA A 104 14.60 12.18 -5.35
CA ALA A 104 15.31 12.29 -4.07
C ALA A 104 14.96 11.09 -3.17
N SER A 105 15.95 10.57 -2.46
CA SER A 105 15.73 9.45 -1.53
C SER A 105 15.20 10.01 -0.21
N MET A 106 14.51 9.16 0.52
CA MET A 106 13.99 9.50 1.84
C MET A 106 15.13 9.61 2.86
N SER A 107 14.81 10.20 4.00
CA SER A 107 15.76 10.33 5.13
C SER A 107 16.29 8.96 5.58
N VAL A 108 15.52 7.91 5.34
CA VAL A 108 15.77 6.64 5.97
C VAL A 108 15.20 5.51 5.09
N PRO A 109 15.84 4.32 5.11
CA PRO A 109 15.19 3.21 4.43
C PRO A 109 13.87 2.84 5.14
N ARG A 110 12.88 2.45 4.36
CA ARG A 110 11.57 2.13 4.88
C ARG A 110 11.02 0.93 4.11
N ASN A 111 11.26 -0.27 4.65
CA ASN A 111 10.68 -1.48 4.14
C ASN A 111 9.30 -1.68 4.80
N ARG A 112 8.35 -2.23 4.04
CA ARG A 112 6.98 -2.50 4.55
C ARG A 112 6.34 -1.16 4.94
N ILE A 113 6.46 -0.23 4.02
CA ILE A 113 6.06 1.15 4.15
C ILE A 113 4.55 1.29 3.82
N GLY A 114 3.99 2.38 4.29
CA GLY A 114 2.70 2.89 3.83
C GLY A 114 2.83 4.32 3.33
N VAL A 115 1.99 4.68 2.34
CA VAL A 115 2.05 5.97 1.70
CA VAL A 115 2.05 6.01 1.72
C VAL A 115 0.63 6.51 1.49
N GLY A 116 0.49 7.83 1.53
CA GLY A 116 -0.72 8.54 1.18
C GLY A 116 -0.38 9.87 0.52
N VAL A 117 -1.29 10.34 -0.34
CA VAL A 117 -1.11 11.57 -1.06
C VAL A 117 -2.10 12.60 -0.55
N ILE A 118 -1.61 13.78 -0.19
CA ILE A 118 -2.49 14.89 0.12
C ILE A 118 -2.01 16.13 -0.62
N ASP A 119 -2.93 16.78 -1.34
CA ASP A 119 -2.63 18.04 -2.00
C ASP A 119 -1.33 17.93 -2.80
N GLY A 120 -1.16 16.83 -3.53
CA GLY A 120 -0.01 16.67 -4.46
C GLY A 120 1.29 16.33 -3.74
N HIS A 121 1.22 16.01 -2.45
CA HIS A 121 2.43 15.64 -1.69
C HIS A 121 2.32 14.20 -1.24
N ILE A 122 3.46 13.54 -1.15
CA ILE A 122 3.50 12.14 -0.83
C ILE A 122 3.92 11.98 0.62
N TYR A 123 3.12 11.30 1.43
CA TYR A 123 3.55 11.02 2.79
C TYR A 123 4.04 9.57 2.88
N ALA A 124 5.29 9.41 3.35
CA ALA A 124 5.90 8.11 3.61
C ALA A 124 5.81 7.83 5.12
N VAL A 125 5.22 6.69 5.49
CA VAL A 125 4.83 6.40 6.85
C VAL A 125 5.45 5.08 7.33
N GLY A 126 6.23 5.15 8.39
CA GLY A 126 6.64 3.94 9.10
C GLY A 126 7.59 3.10 8.29
N GLY A 127 7.50 1.78 8.44
CA GLY A 127 8.37 0.83 7.75
C GLY A 127 9.56 0.46 8.62
N SER A 128 10.36 -0.50 8.16
CA SER A 128 11.53 -0.95 8.91
C SER A 128 12.83 -0.64 8.15
N HIS A 129 13.88 -0.57 8.97
CA HIS A 129 15.24 -0.57 8.52
C HIS A 129 16.00 -1.54 9.42
N GLY A 130 16.24 -2.75 8.93
CA GLY A 130 16.77 -3.80 9.80
C GLY A 130 15.85 -3.96 11.01
N CYS A 131 16.41 -4.04 12.20
CA CYS A 131 15.58 -4.16 13.39
C CYS A 131 14.97 -2.80 13.81
N ILE A 132 15.25 -1.71 13.10
CA ILE A 132 14.60 -0.41 13.41
C ILE A 132 13.16 -0.43 12.90
N HIS A 133 12.21 -0.28 13.81
CA HIS A 133 10.81 -0.07 13.46
C HIS A 133 10.47 1.43 13.60
N HIS A 134 10.14 2.06 12.49
CA HIS A 134 9.98 3.53 12.45
C HIS A 134 8.58 3.96 12.90
N SER A 135 8.54 5.05 13.67
CA SER A 135 7.31 5.83 13.87
C SER A 135 7.37 7.12 13.05
N SER A 136 8.54 7.41 12.47
CA SER A 136 8.75 8.63 11.70
C SER A 136 7.91 8.64 10.40
N VAL A 137 7.69 9.86 9.94
CA VAL A 137 6.90 10.18 8.75
C VAL A 137 7.58 11.34 8.01
N GLU A 138 7.63 11.25 6.69
CA GLU A 138 8.16 12.35 5.91
C GLU A 138 7.30 12.58 4.67
N ARG A 139 7.42 13.78 4.15
CA ARG A 139 6.54 14.27 3.11
C ARG A 139 7.38 14.70 1.91
N TYR A 140 7.04 14.20 0.73
CA TYR A 140 7.71 14.56 -0.51
C TYR A 140 6.89 15.57 -1.32
N GLU A 141 7.59 16.60 -1.80
CA GLU A 141 7.04 17.64 -2.68
C GLU A 141 7.62 17.50 -4.09
N PRO A 142 6.85 16.91 -5.03
CA PRO A 142 7.30 16.76 -6.41
C PRO A 142 7.85 18.05 -7.03
N GLU A 143 7.28 19.20 -6.70
CA GLU A 143 7.66 20.46 -7.38
C GLU A 143 9.14 20.77 -7.10
N ARG A 144 9.64 20.31 -5.96
CA ARG A 144 10.94 20.68 -5.47
C ARG A 144 11.86 19.46 -5.35
N ASP A 145 11.35 18.26 -5.63
CA ASP A 145 12.10 17.01 -5.45
C ASP A 145 12.77 16.94 -4.10
N GLU A 146 11.96 17.08 -3.05
CA GLU A 146 12.47 17.25 -1.70
C GLU A 146 11.63 16.50 -0.67
N TRP A 147 12.29 15.81 0.26
CA TRP A 147 11.60 15.20 1.40
C TRP A 147 11.80 16.07 2.64
N HIS A 148 10.77 16.16 3.49
CA HIS A 148 10.89 16.82 4.81
C HIS A 148 10.19 15.98 5.86
N LEU A 149 10.81 15.80 7.02
CA LEU A 149 10.16 15.03 8.09
C LEU A 149 9.01 15.85 8.65
N VAL A 150 7.94 15.18 9.03
CA VAL A 150 6.85 15.80 9.75
C VAL A 150 6.75 15.14 11.13
N ALA A 151 5.69 15.42 11.89
CA ALA A 151 5.54 14.81 13.22
C ALA A 151 5.52 13.29 13.08
N PRO A 152 6.19 12.56 14.02
CA PRO A 152 6.13 11.11 13.98
C PRO A 152 4.78 10.62 14.51
N MET A 153 4.41 9.41 14.12
CA MET A 153 3.22 8.77 14.63
C MET A 153 3.41 8.50 16.12
N LEU A 154 2.31 8.26 16.79
CA LEU A 154 2.31 7.88 18.20
C LEU A 154 2.82 6.44 18.40
N THR A 155 2.86 5.62 17.35
CA THR A 155 3.24 4.22 17.43
C THR A 155 4.23 3.90 16.30
N ARG A 156 5.22 3.05 16.61
CA ARG A 156 6.01 2.45 15.53
C ARG A 156 5.10 1.52 14.73
N ARG A 157 5.11 1.62 13.40
CA ARG A 157 4.26 0.76 12.56
C ARG A 157 5.02 0.38 11.29
N ILE A 158 5.25 -0.90 11.11
CA ILE A 158 5.65 -1.42 9.84
C ILE A 158 4.51 -2.29 9.33
N GLY A 159 4.43 -2.48 8.03
CA GLY A 159 3.30 -3.15 7.44
C GLY A 159 2.02 -2.39 7.75
N VAL A 160 2.18 -1.07 7.78
CA VAL A 160 1.14 -0.10 8.13
C VAL A 160 0.29 0.22 6.89
N GLY A 161 -1.02 0.24 7.09
CA GLY A 161 -1.92 0.66 6.06
C GLY A 161 -2.15 2.17 6.14
N VAL A 162 -2.19 2.82 5.00
CA VAL A 162 -2.34 4.29 4.98
C VAL A 162 -3.45 4.68 3.98
N ALA A 163 -4.32 5.60 4.37
CA ALA A 163 -5.28 6.15 3.40
C ALA A 163 -5.53 7.63 3.71
N VAL A 164 -6.12 8.32 2.73
CA VAL A 164 -6.43 9.73 2.86
C VAL A 164 -7.92 9.92 2.59
N LEU A 165 -8.56 10.68 3.46
CA LEU A 165 -9.97 11.04 3.34
C LEU A 165 -10.11 12.47 3.86
N ASN A 166 -10.71 13.32 3.04
CA ASN A 166 -11.03 14.67 3.42
C ASN A 166 -9.76 15.40 3.87
N ARG A 167 -8.65 15.17 3.16
CA ARG A 167 -7.34 15.80 3.41
C ARG A 167 -6.84 15.53 4.84
N LEU A 168 -7.16 14.37 5.38
CA LEU A 168 -6.58 13.85 6.59
C LEU A 168 -5.93 12.51 6.27
N LEU A 169 -4.84 12.19 6.96
CA LEU A 169 -4.05 10.96 6.72
C LEU A 169 -4.24 10.00 7.87
N TYR A 170 -4.51 8.75 7.55
CA TYR A 170 -4.73 7.70 8.52
C TYR A 170 -3.65 6.63 8.37
N ALA A 171 -3.10 6.22 9.50
CA ALA A 171 -2.17 5.08 9.61
C ALA A 171 -2.89 3.99 10.42
N VAL A 172 -2.95 2.79 9.84
CA VAL A 172 -3.84 1.73 10.29
C VAL A 172 -3.07 0.41 10.47
N GLY A 173 -3.14 -0.11 11.69
CA GLY A 173 -2.56 -1.42 12.05
C GLY A 173 -1.05 -1.44 11.91
N GLY A 174 -0.54 -2.60 11.56
CA GLY A 174 0.87 -2.82 11.43
C GLY A 174 1.48 -3.58 12.58
N PHE A 175 2.80 -3.48 12.65
CA PHE A 175 3.61 -4.18 13.62
C PHE A 175 4.63 -3.21 14.24
N ASP A 176 4.69 -3.19 15.57
CA ASP A 176 5.49 -2.19 16.28
C ASP A 176 6.88 -2.67 16.71
N GLY A 177 7.28 -3.87 16.25
CA GLY A 177 8.50 -4.49 16.70
C GLY A 177 8.24 -5.63 17.66
N THR A 178 7.10 -5.61 18.35
CA THR A 178 6.74 -6.65 19.32
C THR A 178 5.36 -7.25 19.00
N ASN A 179 4.37 -6.41 18.78
CA ASN A 179 2.97 -6.84 18.62
C ASN A 179 2.42 -6.38 17.26
N ARG A 180 1.62 -7.23 16.63
CA ARG A 180 0.72 -6.73 15.59
C ARG A 180 -0.38 -5.90 16.28
N LEU A 181 -0.95 -4.94 15.54
CA LEU A 181 -1.73 -3.85 16.10
C LEU A 181 -3.15 -3.81 15.52
N ASN A 182 -4.12 -3.49 16.40
CA ASN A 182 -5.47 -3.12 15.91
C ASN A 182 -5.66 -1.61 15.91
N SER A 183 -4.69 -0.89 16.46
CA SER A 183 -4.79 0.55 16.67
C SER A 183 -4.69 1.28 15.33
N ALA A 184 -5.20 2.50 15.32
CA ALA A 184 -5.07 3.35 14.18
C ALA A 184 -5.01 4.81 14.64
N GLU A 185 -4.45 5.68 13.82
CA GLU A 185 -4.30 7.07 14.20
C GLU A 185 -4.42 7.96 12.98
N CYS A 186 -4.70 9.23 13.25
CA CYS A 186 -4.98 10.22 12.20
C CYS A 186 -4.03 11.42 12.31
N TYR A 187 -3.51 11.88 11.17
CA TYR A 187 -2.62 13.04 11.05
C TYR A 187 -3.40 14.26 10.51
N TYR A 188 -3.37 15.34 11.28
CA TYR A 188 -4.03 16.62 10.93
C TYR A 188 -2.94 17.59 10.44
N PRO A 189 -2.75 17.70 9.11
CA PRO A 189 -1.65 18.47 8.55
C PRO A 189 -1.47 19.89 9.07
N GLU A 190 -2.56 20.63 9.31
CA GLU A 190 -2.45 22.02 9.67
C GLU A 190 -2.02 22.13 11.15
N ARG A 191 -2.10 21.06 11.93
CA ARG A 191 -1.68 21.05 13.33
C ARG A 191 -0.35 20.27 13.46
N ASN A 192 0.07 19.60 12.38
CA ASN A 192 1.23 18.70 12.40
C ASN A 192 1.15 17.78 13.62
N GLU A 193 0.08 17.02 13.70
CA GLU A 193 -0.26 16.33 14.90
C GLU A 193 -0.98 15.02 14.56
N TRP A 194 -0.55 13.95 15.20
CA TRP A 194 -1.22 12.66 15.19
C TRP A 194 -2.11 12.51 16.41
N ARG A 195 -3.30 11.93 16.24
CA ARG A 195 -4.17 11.52 17.34
C ARG A 195 -4.72 10.11 17.05
N MET A 196 -4.91 9.32 18.11
CA MET A 196 -5.47 7.97 17.99
C MET A 196 -6.94 8.08 17.52
N ILE A 197 -7.37 7.13 16.70
CA ILE A 197 -8.80 6.96 16.42
C ILE A 197 -9.24 5.62 17.01
N THR A 198 -10.54 5.35 16.91
CA THR A 198 -11.07 4.07 17.33
C THR A 198 -10.24 2.94 16.70
N PRO A 199 -9.83 1.97 17.51
CA PRO A 199 -9.11 0.84 16.97
C PRO A 199 -10.04 -0.05 16.15
N MET A 200 -9.46 -0.75 15.18
CA MET A 200 -10.17 -1.77 14.43
C MET A 200 -10.65 -2.88 15.38
N ASN A 201 -11.57 -3.67 14.88
CA ASN A 201 -12.09 -4.79 15.60
C ASN A 201 -11.21 -6.01 15.39
N THR A 202 -10.17 -5.91 14.53
CA THR A 202 -9.26 -7.00 14.25
C THR A 202 -7.82 -6.47 14.30
N ILE A 203 -6.92 -7.26 14.86
CA ILE A 203 -5.50 -6.99 14.71
C ILE A 203 -5.13 -7.25 13.25
N ARG A 204 -4.49 -6.31 12.59
CA ARG A 204 -4.11 -6.48 11.19
C ARG A 204 -2.75 -5.86 10.91
N SER A 205 -1.80 -6.67 10.48
CA SER A 205 -0.49 -6.19 10.00
C SER A 205 -0.28 -6.66 8.56
N GLY A 206 0.13 -5.76 7.67
CA GLY A 206 0.32 -6.11 6.27
C GLY A 206 -1.02 -6.30 5.58
N ALA A 207 -1.94 -5.45 5.95
CA ALA A 207 -3.26 -5.42 5.37
C ALA A 207 -3.23 -4.53 4.13
N GLY A 208 -4.33 -4.51 3.42
CA GLY A 208 -4.60 -3.52 2.40
C GLY A 208 -5.50 -2.44 2.95
N VAL A 209 -5.09 -1.19 2.86
CA VAL A 209 -5.93 -0.10 3.38
C VAL A 209 -6.14 0.92 2.26
N CYS A 210 -7.41 1.30 2.07
CA CYS A 210 -7.76 2.33 1.04
C CYS A 210 -9.03 3.07 1.47
N VAL A 211 -9.41 4.05 0.67
CA VAL A 211 -10.62 4.83 0.94
C VAL A 211 -11.62 4.61 -0.16
N LEU A 212 -12.87 4.50 0.24
CA LEU A 212 -13.98 4.51 -0.69
C LEU A 212 -15.16 5.24 -0.04
N HIS A 213 -15.64 6.26 -0.74
CA HIS A 213 -16.72 7.12 -0.26
C HIS A 213 -16.28 7.79 1.05
N ASN A 214 -17.05 7.67 2.13
CA ASN A 214 -16.69 8.29 3.41
C ASN A 214 -15.99 7.29 4.34
N CYS A 215 -15.49 6.14 3.83
CA CYS A 215 -14.99 5.07 4.71
C CYS A 215 -13.53 4.68 4.39
N ILE A 216 -12.79 4.39 5.46
CA ILE A 216 -11.46 3.74 5.36
C ILE A 216 -11.68 2.24 5.47
N TYR A 217 -11.25 1.49 4.47
CA TYR A 217 -11.36 0.05 4.48
C TYR A 217 -10.03 -0.57 4.84
N ALA A 218 -10.07 -1.63 5.65
CA ALA A 218 -8.92 -2.43 5.98
C ALA A 218 -9.26 -3.89 5.66
N ALA A 219 -8.55 -4.44 4.66
CA ALA A 219 -8.79 -5.76 4.12
C ALA A 219 -7.61 -6.68 4.44
N GLY A 220 -7.89 -7.85 5.01
CA GLY A 220 -6.84 -8.88 5.19
C GLY A 220 -5.80 -8.47 6.20
N GLY A 221 -4.57 -8.97 6.01
CA GLY A 221 -3.52 -8.79 6.98
C GLY A 221 -3.20 -10.09 7.70
N TYR A 222 -2.23 -9.95 8.61
CA TYR A 222 -1.80 -10.99 9.53
C TYR A 222 -2.12 -10.53 10.97
N ASP A 223 -2.75 -11.39 11.76
CA ASP A 223 -3.11 -11.01 13.11
C ASP A 223 -2.15 -11.54 14.15
N GLY A 224 -1.04 -12.13 13.71
CA GLY A 224 -0.13 -12.78 14.61
C GLY A 224 -0.29 -14.30 14.61
N GLN A 225 -1.42 -14.81 14.12
CA GLN A 225 -1.62 -16.27 14.05
C GLN A 225 -1.96 -16.69 12.61
N ASP A 226 -2.84 -15.96 11.94
CA ASP A 226 -3.37 -16.35 10.63
CA ASP A 226 -3.34 -16.36 10.62
C ASP A 226 -3.45 -15.19 9.66
N GLN A 227 -3.34 -15.50 8.38
CA GLN A 227 -3.71 -14.55 7.37
C GLN A 227 -5.25 -14.45 7.41
N LEU A 228 -5.75 -13.24 7.17
CA LEU A 228 -7.15 -12.87 7.36
C LEU A 228 -7.85 -12.71 6.00
N ASN A 229 -9.09 -13.15 5.91
CA ASN A 229 -9.95 -12.78 4.77
C ASN A 229 -10.91 -11.63 5.17
N SER A 230 -10.95 -11.27 6.45
CA SER A 230 -12.01 -10.36 6.93
C SER A 230 -11.71 -8.95 6.39
N VAL A 231 -12.74 -8.12 6.35
CA VAL A 231 -12.65 -6.74 5.87
C VAL A 231 -13.52 -5.85 6.75
N GLU A 232 -12.98 -4.71 7.18
CA GLU A 232 -13.80 -3.78 7.96
C GLU A 232 -13.53 -2.35 7.52
N ARG A 233 -14.50 -1.49 7.82
CA ARG A 233 -14.41 -0.15 7.34
C ARG A 233 -14.80 0.84 8.44
N TYR A 234 -14.07 1.94 8.42
CA TYR A 234 -14.20 2.97 9.40
C TYR A 234 -14.95 4.16 8.79
N ASP A 235 -16.06 4.51 9.37
CA ASP A 235 -16.82 5.67 8.94
C ASP A 235 -16.40 6.88 9.73
N VAL A 236 -15.80 7.87 9.06
CA VAL A 236 -15.18 8.98 9.80
C VAL A 236 -16.26 9.74 10.58
N GLU A 237 -17.51 9.72 10.12
CA GLU A 237 -18.56 10.47 10.80
C GLU A 237 -19.05 9.72 12.04
N THR A 238 -19.04 8.38 12.05
CA THR A 238 -19.55 7.64 13.22
C THR A 238 -18.39 7.21 14.13
N GLU A 239 -17.18 7.16 13.60
CA GLU A 239 -15.99 6.79 14.36
C GLU A 239 -16.10 5.31 14.76
N THR A 240 -16.77 4.51 13.96
CA THR A 240 -16.89 3.11 14.26
C THR A 240 -16.45 2.30 13.06
N TRP A 241 -15.98 1.09 13.35
CA TRP A 241 -15.57 0.12 12.35
C TRP A 241 -16.67 -0.92 12.19
N THR A 242 -16.98 -1.29 10.95
CA THR A 242 -17.97 -2.30 10.68
C THR A 242 -17.36 -3.32 9.72
N PHE A 243 -17.55 -4.61 10.02
CA PHE A 243 -17.15 -5.66 9.11
C PHE A 243 -18.08 -5.62 7.90
N VAL A 244 -17.52 -5.86 6.71
CA VAL A 244 -18.33 -6.09 5.52
C VAL A 244 -18.05 -7.53 5.08
N ALA A 245 -18.41 -7.90 3.87
CA ALA A 245 -18.21 -9.28 3.42
C ALA A 245 -16.70 -9.61 3.35
N PRO A 246 -16.30 -10.84 3.72
CA PRO A 246 -14.87 -11.20 3.70
C PRO A 246 -14.44 -11.45 2.26
N MET A 247 -13.15 -11.26 1.98
CA MET A 247 -12.58 -11.66 0.67
C MET A 247 -12.68 -13.20 0.49
N ARG A 248 -12.56 -13.63 -0.75
CA ARG A 248 -12.58 -15.05 -1.13
C ARG A 248 -11.28 -15.74 -0.69
N HIS A 249 -10.18 -14.99 -0.53
CA HIS A 249 -8.87 -15.51 -0.08
C HIS A 249 -8.42 -14.79 1.20
N HIS A 250 -7.91 -15.58 2.14
CA HIS A 250 -7.10 -15.05 3.22
C HIS A 250 -5.83 -14.45 2.60
N ARG A 251 -5.43 -13.23 2.98
CA ARG A 251 -4.19 -12.66 2.44
C ARG A 251 -3.52 -11.68 3.39
N SER A 252 -2.21 -11.85 3.55
CA SER A 252 -1.30 -10.81 4.08
C SER A 252 -0.42 -10.28 2.94
N ALA A 253 0.11 -9.08 3.13
CA ALA A 253 1.02 -8.43 2.15
C ALA A 253 0.34 -8.33 0.78
N LEU A 254 -0.94 -8.01 0.81
CA LEU A 254 -1.70 -7.77 -0.40
C LEU A 254 -1.46 -6.33 -0.87
N GLY A 255 -1.66 -6.10 -2.15
CA GLY A 255 -1.78 -4.76 -2.68
C GLY A 255 -3.25 -4.38 -2.79
N ILE A 256 -3.59 -3.10 -2.68
CA ILE A 256 -4.99 -2.70 -2.77
C ILE A 256 -5.08 -1.36 -3.49
N THR A 257 -6.15 -1.17 -4.26
CA THR A 257 -6.38 0.14 -4.87
C THR A 257 -7.86 0.29 -5.20
N VAL A 258 -8.21 1.49 -5.63
CA VAL A 258 -9.55 1.81 -6.05
C VAL A 258 -9.45 2.20 -7.53
N HIS A 259 -10.29 1.58 -8.32
CA HIS A 259 -10.46 1.86 -9.75
C HIS A 259 -11.96 1.99 -10.02
N GLN A 260 -12.37 3.17 -10.51
CA GLN A 260 -13.77 3.53 -10.76
C GLN A 260 -14.72 3.00 -9.68
N GLY A 261 -14.46 3.38 -8.42
CA GLY A 261 -15.43 3.17 -7.31
C GLY A 261 -15.52 1.72 -6.84
N LYS A 262 -14.50 0.96 -7.19
CA LYS A 262 -14.40 -0.45 -6.80
C LYS A 262 -13.02 -0.67 -6.19
N ILE A 263 -12.99 -1.46 -5.12
CA ILE A 263 -11.77 -1.87 -4.48
C ILE A 263 -11.23 -3.10 -5.22
N TYR A 264 -9.93 -3.05 -5.55
CA TYR A 264 -9.24 -4.22 -6.09
C TYR A 264 -8.14 -4.60 -5.11
N VAL A 265 -7.99 -5.90 -4.87
CA VAL A 265 -6.90 -6.45 -4.07
C VAL A 265 -6.12 -7.45 -4.93
N LEU A 266 -4.80 -7.39 -4.76
CA LEU A 266 -3.82 -8.02 -5.64
C LEU A 266 -2.81 -8.82 -4.81
N GLY A 267 -2.79 -10.12 -5.02
CA GLY A 267 -1.76 -10.96 -4.52
C GLY A 267 -1.79 -11.11 -3.02
N GLY A 268 -0.59 -11.30 -2.47
CA GLY A 268 -0.40 -11.55 -1.07
C GLY A 268 -0.07 -13.02 -0.82
N TYR A 269 -0.19 -13.41 0.44
CA TYR A 269 0.18 -14.72 0.90
C TYR A 269 -0.95 -15.27 1.77
N ASP A 270 -1.41 -16.50 1.49
CA ASP A 270 -2.48 -17.11 2.27
C ASP A 270 -2.01 -18.14 3.30
N GLY A 271 -0.73 -18.14 3.65
CA GLY A 271 -0.16 -19.16 4.53
C GLY A 271 0.32 -20.41 3.79
N HIS A 272 0.23 -20.43 2.45
CA HIS A 272 0.52 -21.63 1.62
C HIS A 272 1.09 -21.24 0.25
N THR A 273 0.51 -20.23 -0.36
CA THR A 273 0.80 -19.86 -1.72
C THR A 273 0.98 -18.34 -1.80
N PHE A 274 1.98 -17.90 -2.56
CA PHE A 274 2.05 -16.52 -3.00
C PHE A 274 1.02 -16.36 -4.12
N LEU A 275 -0.02 -15.58 -3.84
CA LEU A 275 -1.27 -15.57 -4.64
C LEU A 275 -1.09 -14.77 -5.91
N ASP A 276 -1.64 -15.28 -7.00
CA ASP A 276 -1.85 -14.48 -8.20
C ASP A 276 -3.28 -13.92 -8.25
N SER A 277 -4.13 -14.31 -7.30
CA SER A 277 -5.53 -13.90 -7.29
C SER A 277 -5.66 -12.39 -7.15
N VAL A 278 -6.49 -11.82 -8.03
CA VAL A 278 -6.99 -10.46 -7.93
C VAL A 278 -8.52 -10.52 -7.76
N GLU A 279 -9.01 -9.87 -6.70
CA GLU A 279 -10.46 -9.83 -6.34
C GLU A 279 -10.93 -8.36 -6.34
N CYS A 280 -12.22 -8.13 -6.59
CA CYS A 280 -12.76 -6.79 -6.46
C CYS A 280 -14.06 -6.81 -5.66
N TYR A 281 -14.24 -5.70 -4.94
CA TYR A 281 -15.34 -5.55 -4.01
C TYR A 281 -16.35 -4.54 -4.60
N ASP A 282 -17.61 -4.94 -4.62
CA ASP A 282 -18.72 -4.08 -5.02
C ASP A 282 -19.47 -3.70 -3.73
N PRO A 283 -19.33 -2.43 -3.29
CA PRO A 283 -19.96 -1.98 -2.06
C PRO A 283 -21.49 -2.05 -2.12
N ASP A 284 -22.10 -1.81 -3.27
CA ASP A 284 -23.58 -1.86 -3.33
C ASP A 284 -24.14 -3.26 -3.11
N SER A 285 -23.46 -4.31 -3.55
CA SER A 285 -23.99 -5.69 -3.38
C SER A 285 -23.28 -6.38 -2.21
N ASP A 286 -22.27 -5.72 -1.66
CA ASP A 286 -21.43 -6.28 -0.59
C ASP A 286 -20.92 -7.65 -1.01
N THR A 287 -20.28 -7.72 -2.17
CA THR A 287 -19.74 -9.00 -2.65
C THR A 287 -18.33 -8.80 -3.22
N TRP A 288 -17.51 -9.84 -3.04
CA TRP A 288 -16.17 -9.94 -3.61
C TRP A 288 -16.21 -10.90 -4.82
N SER A 289 -15.57 -10.52 -5.92
CA SER A 289 -15.48 -11.38 -7.07
C SER A 289 -14.02 -11.55 -7.49
N GLU A 290 -13.68 -12.77 -7.87
CA GLU A 290 -12.46 -13.05 -8.63
C GLU A 290 -12.50 -12.19 -9.89
N VAL A 291 -11.43 -11.50 -10.27
CA VAL A 291 -11.47 -10.56 -11.42
C VAL A 291 -10.46 -10.96 -12.50
N THR A 292 -9.33 -11.53 -12.11
CA THR A 292 -8.23 -11.81 -12.99
C THR A 292 -7.12 -12.46 -12.17
N ARG A 293 -6.09 -12.93 -12.85
CA ARG A 293 -4.92 -13.48 -12.20
C ARG A 293 -3.74 -12.63 -12.62
N MET A 294 -2.90 -12.29 -11.67
CA MET A 294 -1.63 -11.71 -12.01
C MET A 294 -0.86 -12.75 -12.82
N THR A 295 0.15 -12.29 -13.57
CA THR A 295 0.88 -13.18 -14.45
C THR A 295 1.68 -14.20 -13.62
N SER A 296 1.91 -13.91 -12.35
CA SER A 296 2.61 -14.80 -11.46
C SER A 296 2.30 -14.45 -10.01
N GLY A 297 2.22 -15.45 -9.14
CA GLY A 297 1.97 -15.19 -7.71
C GLY A 297 3.07 -14.35 -7.05
N ARG A 298 2.65 -13.38 -6.23
CA ARG A 298 3.60 -12.52 -5.52
C ARG A 298 2.92 -11.82 -4.32
N SER A 299 3.73 -11.45 -3.33
CA SER A 299 3.29 -10.65 -2.17
C SER A 299 4.06 -9.33 -2.14
N GLY A 300 3.57 -8.38 -1.34
CA GLY A 300 4.28 -7.14 -1.04
C GLY A 300 4.50 -6.26 -2.25
N VAL A 301 3.48 -6.17 -3.12
CA VAL A 301 3.57 -5.28 -4.28
C VAL A 301 3.18 -3.86 -3.87
N GLY A 302 3.56 -2.94 -4.73
CA GLY A 302 3.02 -1.59 -4.75
C GLY A 302 2.02 -1.43 -5.88
N VAL A 303 0.89 -0.76 -5.60
CA VAL A 303 -0.25 -0.67 -6.53
C VAL A 303 -0.78 0.75 -6.60
N ALA A 304 -1.10 1.22 -7.81
CA ALA A 304 -1.82 2.47 -7.98
C ALA A 304 -2.43 2.53 -9.38
N VAL A 305 -3.17 3.60 -9.65
CA VAL A 305 -3.97 3.73 -10.86
C VAL A 305 -3.61 5.04 -11.56
N THR A 306 -3.32 4.95 -12.84
CA THR A 306 -3.16 6.14 -13.66
C THR A 306 -3.47 5.77 -15.11
N MET A 307 -3.24 6.75 -16.00
CA MET A 307 -3.49 6.67 -17.43
C MET A 307 -2.72 5.51 -18.07
N GLU A 308 -3.23 5.09 -19.23
CA GLU A 308 -2.59 4.11 -20.11
C GLU A 308 -1.27 4.66 -20.64
N PRO A 309 -0.27 3.80 -20.84
CA PRO A 309 0.97 4.31 -21.44
C PRO A 309 0.61 4.88 -22.82
N CYS A 310 0.96 6.15 -23.04
CA CYS A 310 0.37 6.98 -24.11
C CYS A 310 -1.16 6.95 -23.98
S DMS B . 3.14 -13.69 6.98
O DMS B . 1.67 -13.78 6.70
C1 DMS B . 3.31 -13.37 8.72
C2 DMS B . 3.76 -15.37 6.98
CL CL C . 10.81 -8.21 3.85
C1 5UI D . 4.07 -12.81 2.99
C2 5UI D . 5.41 -12.92 3.71
C3 5UI D . 5.74 -14.32 4.19
C5 5UI D . 6.61 -11.19 2.45
C6 5UI D . 7.57 -10.86 1.50
C7 5UI D . 7.80 -9.55 1.17
C8 5UI D . 7.05 -8.54 1.76
C10 5UI D . 5.87 -10.18 3.05
C11 5UI D . 5.28 -7.76 3.36
C12 5UI D . 4.77 -6.68 2.66
C13 5UI D . 4.04 -5.71 3.34
C14 5UI D . 3.84 -5.86 4.69
C15 5UI D . 4.38 -6.97 5.31
N18 5UI D . 4.61 -6.25 7.55
C19 5UI D . 4.40 -6.74 8.75
C21 5UI D . 3.53 -8.84 9.92
C24 5UI D . 3.78 -8.35 7.37
C25 5UI D . 3.29 -9.60 6.69
O4 5UI D . 6.42 -12.51 2.75
C9 5UI D . 6.08 -8.83 2.72
N16 5UI D . 5.08 -7.91 4.68
N17 5UI D . 4.23 -7.25 6.69
C20 5UI D . 3.88 -8.04 8.72
O22 5UI D . 3.72 -10.10 9.85
O23 5UI D . 3.09 -8.25 10.93
F26 5UI D . 2.45 -10.29 7.48
F27 5UI D . 2.60 -9.34 5.58
F28 5UI D . 4.27 -10.44 6.36
H31 5UI D . 3.58 -13.65 3.09
H29 5UI D . 4.23 -12.64 2.04
H30 5UI D . 3.54 -12.09 3.38
H32 5UI D . 5.42 -12.29 4.48
H33 5UI D . 6.55 -14.64 3.74
H34 5UI D . 5.00 -14.93 3.97
H35 5UI D . 5.88 -14.32 5.15
H36 5UI D . 8.08 -11.55 1.09
H37 5UI D . 8.46 -9.33 0.52
H38 5UI D . 7.21 -7.63 1.53
H39 5UI D . 5.20 -10.40 3.69
H40 5UI D . 4.94 -6.59 1.72
H41 5UI D . 3.69 -4.95 2.88
H42 5UI D . 3.34 -5.22 5.19
H43 5UI D . 4.58 -6.25 9.55
#